data_4J2P
#
_entry.id   4J2P
#
_cell.length_a   93.180
_cell.length_b   93.180
_cell.length_c   115.430
_cell.angle_alpha   90.000
_cell.angle_beta   90.000
_cell.angle_gamma   90.000
#
_symmetry.space_group_name_H-M   'I 4 2 2'
#
loop_
_entity.id
_entity.type
_entity.pdbx_description
1 polymer 'Non-fluorescent flavoprotein'
2 water water
#
_entity_poly.entity_id   1
_entity_poly.type   'polypeptide(L)'
_entity_poly.pdbx_seq_one_letter_code
;MTKWNYGVFFLNFYHVGQQEPSLTMSNALETLRIIDEDTSIYDVVAFSEHHIDKSYNDETKLAPFVSLGKQIHILATSPE
TVVKAAKYGMPLLFKWDDSQQKRIELLNHYQAAAAKFNVDIAGVRHRLMLFVNVNDNPTQAKAELSIYLEDYLSYTQAET
SIDEIINSNAAGNFDTCLHHVAEMAQGLNNKVDFLFCFESMKDQENKKSLMINFDKRVINYRKEHNLNLEHHHHHH
;
_entity_poly.pdbx_strand_id   A
#
# COMPACT_ATOMS: atom_id res chain seq x y z
N MET A 1 11.51 20.70 -0.77
CA MET A 1 11.16 19.30 -0.90
C MET A 1 9.86 18.97 -0.17
N THR A 2 9.41 17.72 -0.29
CA THR A 2 8.10 17.35 0.24
C THR A 2 8.14 16.21 1.25
N LYS A 3 7.39 16.38 2.33
CA LYS A 3 7.23 15.34 3.35
C LYS A 3 6.39 14.20 2.78
N TRP A 4 6.91 12.97 2.84
CA TRP A 4 6.11 11.81 2.44
C TRP A 4 5.38 11.28 3.66
N ASN A 5 4.11 10.91 3.49
CA ASN A 5 3.34 10.32 4.60
C ASN A 5 3.17 8.83 4.48
N TYR A 6 3.15 8.16 5.64
CA TYR A 6 3.05 6.71 5.72
C TYR A 6 1.93 6.29 6.66
N GLY A 7 1.22 5.24 6.26
CA GLY A 7 0.11 4.71 7.02
C GLY A 7 0.18 3.21 6.86
N VAL A 8 -0.87 2.53 7.31
CA VAL A 8 -0.88 1.08 7.32
C VAL A 8 -2.21 0.60 6.75
N PHE A 9 -2.20 -0.55 6.06
CA PHE A 9 -3.47 -1.18 5.71
C PHE A 9 -3.46 -2.65 6.07
N PHE A 10 -4.65 -3.21 6.16
CA PHE A 10 -4.83 -4.62 6.43
C PHE A 10 -5.69 -5.17 5.30
N LEU A 11 -5.37 -6.37 4.86
CA LEU A 11 -6.15 -7.06 3.84
C LEU A 11 -7.35 -7.69 4.55
N ASN A 12 -8.55 -7.24 4.24
CA ASN A 12 -9.72 -7.71 4.97
C ASN A 12 -10.22 -9.03 4.38
N PHE A 13 -9.43 -10.09 4.59
CA PHE A 13 -9.73 -11.40 4.02
C PHE A 13 -9.39 -12.43 5.09
N TYR A 14 -10.30 -13.37 5.31
CA TYR A 14 -10.21 -14.23 6.50
C TYR A 14 -9.17 -15.35 6.44
N HIS A 15 -8.74 -15.71 5.22
CA HIS A 15 -7.80 -16.81 5.01
C HIS A 15 -6.47 -16.31 4.42
N VAL A 16 -5.52 -16.04 5.29
CA VAL A 16 -4.17 -15.68 4.85
C VAL A 16 -3.11 -16.52 5.54
N GLY A 17 -2.08 -16.89 4.79
CA GLY A 17 -0.93 -17.59 5.31
C GLY A 17 -1.19 -18.92 6.01
N GLN A 18 -2.31 -19.56 5.68
CA GLN A 18 -2.77 -20.76 6.40
C GLN A 18 -2.96 -20.52 7.90
N GLN A 19 -3.22 -19.27 8.27
CA GLN A 19 -3.44 -18.90 9.67
C GLN A 19 -4.91 -19.03 10.05
N GLU A 20 -5.18 -19.47 11.27
CA GLU A 20 -6.53 -19.34 11.81
C GLU A 20 -6.88 -17.85 11.84
N PRO A 21 -8.13 -17.51 11.51
CA PRO A 21 -8.56 -16.10 11.56
C PRO A 21 -8.28 -15.44 12.92
N SER A 22 -8.38 -16.19 14.02
CA SER A 22 -8.08 -15.62 15.33
C SER A 22 -6.60 -15.17 15.44
N LEU A 23 -5.70 -15.94 14.84
CA LEU A 23 -4.28 -15.59 14.82
C LEU A 23 -4.04 -14.37 13.92
N THR A 24 -4.63 -14.40 12.73
CA THR A 24 -4.56 -13.25 11.83
C THR A 24 -5.07 -12.00 12.52
N MET A 25 -6.13 -12.17 13.31
CA MET A 25 -6.70 -11.08 14.08
C MET A 25 -5.76 -10.60 15.17
N SER A 26 -5.22 -11.50 15.98
CA SER A 26 -4.29 -11.06 17.02
C SER A 26 -3.02 -10.44 16.43
N ASN A 27 -2.58 -10.95 15.28
CA ASN A 27 -1.44 -10.34 14.58
C ASN A 27 -1.73 -8.90 14.18
N ALA A 28 -2.94 -8.68 13.66
CA ALA A 28 -3.33 -7.34 13.20
C ALA A 28 -3.43 -6.39 14.39
N LEU A 29 -3.92 -6.90 15.50
CA LEU A 29 -4.04 -6.10 16.72
C LEU A 29 -2.69 -5.71 17.30
N GLU A 30 -1.66 -6.54 17.10
CA GLU A 30 -0.31 -6.17 17.53
C GLU A 30 0.24 -5.05 16.63
N THR A 31 -0.05 -5.12 15.33
CA THR A 31 0.33 -4.04 14.44
C THR A 31 -0.29 -2.73 14.93
N LEU A 32 -1.57 -2.78 15.27
CA LEU A 32 -2.24 -1.60 15.79
C LEU A 32 -1.58 -1.10 17.08
N ARG A 33 -1.16 -2.03 17.94
CA ARG A 33 -0.51 -1.66 19.21
C ARG A 33 0.81 -0.97 18.94
N ILE A 34 1.61 -1.53 18.04
CA ILE A 34 2.86 -0.94 17.60
C ILE A 34 2.65 0.48 17.06
N ILE A 35 1.63 0.67 16.23
CA ILE A 35 1.26 1.99 15.73
C ILE A 35 0.95 2.93 16.89
N ASP A 36 0.17 2.44 17.84
CA ASP A 36 -0.29 3.26 18.98
C ASP A 36 0.82 3.57 20.00
N GLU A 37 1.68 2.59 20.27
CA GLU A 37 2.55 2.67 21.44
C GLU A 37 4.04 2.83 21.14
N ASP A 38 4.50 2.29 20.02
CA ASP A 38 5.93 2.17 19.79
C ASP A 38 6.47 3.08 18.70
N THR A 39 5.57 3.75 17.98
CA THR A 39 5.96 4.53 16.79
C THR A 39 5.06 5.76 16.68
N SER A 40 5.35 6.64 15.71
CA SER A 40 4.51 7.83 15.53
C SER A 40 4.18 8.16 14.07
N ILE A 41 4.91 7.61 13.12
CA ILE A 41 4.75 8.03 11.74
C ILE A 41 3.53 7.46 11.04
N TYR A 42 2.94 6.39 11.58
CA TYR A 42 1.86 5.73 10.86
C TYR A 42 0.53 6.48 11.06
N ASP A 43 0.18 7.30 10.08
CA ASP A 43 -0.82 8.35 10.27
C ASP A 43 -2.27 7.91 10.11
N VAL A 44 -2.50 6.91 9.26
CA VAL A 44 -3.86 6.48 8.95
C VAL A 44 -3.87 4.99 8.75
N VAL A 45 -5.03 4.40 8.89
CA VAL A 45 -5.20 2.96 8.66
C VAL A 45 -6.34 2.77 7.66
N ALA A 46 -6.18 1.84 6.73
CA ALA A 46 -7.25 1.53 5.78
C ALA A 46 -7.37 0.02 5.62
N PHE A 47 -8.44 -0.41 4.98
CA PHE A 47 -8.61 -1.85 4.71
C PHE A 47 -8.69 -2.10 3.22
N SER A 48 -7.96 -3.11 2.76
CA SER A 48 -8.09 -3.58 1.38
C SER A 48 -9.27 -4.52 1.33
N GLU A 49 -10.36 -4.10 0.70
CA GLU A 49 -11.55 -4.94 0.60
C GLU A 49 -12.18 -4.89 -0.78
N HIS A 50 -11.37 -4.64 -1.80
CA HIS A 50 -11.91 -4.54 -3.16
C HIS A 50 -12.04 -5.91 -3.84
N HIS A 51 -11.76 -6.97 -3.11
CA HIS A 51 -11.93 -8.32 -3.67
C HIS A 51 -13.39 -8.70 -3.63
N ILE A 52 -14.19 -7.88 -2.95
CA ILE A 52 -15.61 -8.16 -2.75
C ILE A 52 -16.48 -7.65 -3.90
N ASP A 53 -16.43 -6.35 -4.17
CA ASP A 53 -17.19 -5.73 -5.26
C ASP A 53 -16.79 -6.32 -6.59
N LYS A 54 -15.47 -6.45 -6.80
CA LYS A 54 -14.91 -7.11 -7.97
C LYS A 54 -15.54 -8.49 -8.13
N SER A 55 -15.64 -9.22 -7.02
CA SER A 55 -16.33 -10.50 -7.01
C SER A 55 -17.83 -10.27 -7.16
N GLU A 59 -20.56 -0.96 -8.43
CA GLU A 59 -21.71 -1.30 -9.25
C GLU A 59 -22.94 -0.50 -8.81
N THR A 60 -23.23 -0.52 -7.51
CA THR A 60 -24.31 0.28 -6.96
C THR A 60 -23.71 1.37 -6.07
N LYS A 61 -22.39 1.32 -5.90
CA LYS A 61 -21.64 2.36 -5.21
C LYS A 61 -21.71 3.67 -5.97
N LEU A 62 -21.74 4.78 -5.24
CA LEU A 62 -21.60 6.09 -5.87
C LEU A 62 -20.21 6.18 -6.49
N ALA A 63 -19.23 5.62 -5.79
CA ALA A 63 -17.85 5.58 -6.27
C ALA A 63 -17.03 4.62 -5.41
N PRO A 64 -15.89 4.12 -5.94
CA PRO A 64 -14.99 3.34 -5.09
C PRO A 64 -14.23 4.23 -4.08
N PHE A 65 -14.98 4.92 -3.21
CA PHE A 65 -14.43 5.84 -2.23
C PHE A 65 -13.67 5.11 -1.14
N VAL A 66 -12.57 5.71 -0.71
CA VAL A 66 -11.88 5.25 0.49
C VAL A 66 -11.52 6.47 1.32
N SER A 67 -12.00 6.50 2.56
CA SER A 67 -11.70 7.63 3.42
C SER A 67 -10.41 7.38 4.20
N LEU A 68 -9.48 8.30 4.08
CA LEU A 68 -8.26 8.22 4.87
C LEU A 68 -8.29 9.43 5.81
N GLY A 69 -8.85 9.23 7.01
CA GLY A 69 -9.07 10.34 7.92
C GLY A 69 -10.32 11.12 7.55
N LYS A 70 -10.13 12.28 6.92
CA LYS A 70 -11.26 12.98 6.33
C LYS A 70 -10.94 13.36 4.88
N GLN A 71 -9.84 12.81 4.37
CA GLN A 71 -9.48 12.98 2.97
C GLN A 71 -9.99 11.80 2.16
N ILE A 72 -10.91 12.08 1.25
CA ILE A 72 -11.54 11.03 0.46
C ILE A 72 -10.70 10.73 -0.78
N HIS A 73 -10.27 9.48 -0.90
CA HIS A 73 -9.55 9.00 -2.07
C HIS A 73 -10.49 8.15 -2.92
N ILE A 74 -10.14 8.02 -4.19
CA ILE A 74 -10.84 7.08 -5.05
C ILE A 74 -9.87 5.96 -5.37
N LEU A 75 -10.31 4.73 -5.12
CA LEU A 75 -9.50 3.56 -5.39
C LEU A 75 -9.35 3.48 -6.90
N ALA A 76 -8.10 3.34 -7.37
CA ALA A 76 -7.81 3.41 -8.80
C ALA A 76 -8.09 2.07 -9.46
N THR A 77 -9.37 1.78 -9.69
CA THR A 77 -9.80 0.46 -10.12
C THR A 77 -9.81 0.26 -11.64
N SER A 78 -9.74 1.35 -12.38
CA SER A 78 -9.79 1.30 -13.85
C SER A 78 -9.49 2.66 -14.42
N PRO A 79 -9.00 2.70 -15.69
CA PRO A 79 -8.78 3.99 -16.36
C PRO A 79 -10.05 4.81 -16.28
N GLU A 80 -11.17 4.14 -16.50
CA GLU A 80 -12.48 4.73 -16.42
C GLU A 80 -12.71 5.43 -15.07
N THR A 81 -12.37 4.73 -14.00
CA THR A 81 -12.57 5.23 -12.64
C THR A 81 -11.65 6.42 -12.31
N VAL A 82 -10.40 6.39 -12.80
CA VAL A 82 -9.50 7.50 -12.48
C VAL A 82 -9.84 8.78 -13.25
N VAL A 83 -10.44 8.64 -14.43
CA VAL A 83 -10.89 9.82 -15.17
C VAL A 83 -11.95 10.54 -14.34
N LYS A 84 -12.85 9.76 -13.75
CA LYS A 84 -13.87 10.29 -12.87
C LYS A 84 -13.28 11.00 -11.64
N ALA A 85 -12.21 10.43 -11.07
CA ALA A 85 -11.56 11.05 -9.91
C ALA A 85 -10.92 12.39 -10.27
N ALA A 86 -10.37 12.46 -11.47
CA ALA A 86 -9.69 13.67 -11.92
C ALA A 86 -10.71 14.78 -12.18
N LYS A 87 -11.87 14.40 -12.67
CA LYS A 87 -12.94 15.37 -12.93
C LYS A 87 -13.28 16.15 -11.67
N TYR A 88 -13.19 15.45 -10.53
CA TYR A 88 -13.50 16.05 -9.24
C TYR A 88 -12.24 16.44 -8.45
N GLY A 89 -11.09 16.28 -9.10
CA GLY A 89 -9.80 16.65 -8.51
C GLY A 89 -9.44 15.88 -7.26
N MET A 90 -9.94 14.66 -7.13
CA MET A 90 -9.71 13.87 -5.93
C MET A 90 -8.48 13.00 -6.06
N PRO A 91 -7.77 12.77 -4.93
CA PRO A 91 -6.58 11.92 -4.97
C PRO A 91 -6.94 10.45 -5.13
N LEU A 92 -5.98 9.68 -5.65
CA LEU A 92 -6.15 8.26 -5.92
C LEU A 92 -5.56 7.39 -4.83
N LEU A 93 -6.08 6.17 -4.73
CA LEU A 93 -5.43 5.13 -3.94
C LEU A 93 -5.03 4.03 -4.92
N PHE A 94 -3.73 3.80 -5.08
CA PHE A 94 -3.26 2.77 -6.00
C PHE A 94 -3.22 1.39 -5.36
N LYS A 95 -3.71 0.39 -6.08
CA LYS A 95 -3.85 -0.98 -5.58
C LYS A 95 -2.50 -1.70 -5.44
N TRP A 96 -2.30 -2.37 -4.32
CA TRP A 96 -1.10 -3.21 -4.13
C TRP A 96 -1.08 -4.35 -5.15
N ASP A 97 -2.26 -4.80 -5.54
CA ASP A 97 -2.39 -5.95 -6.45
C ASP A 97 -2.37 -5.55 -7.92
N ASP A 98 -2.14 -4.26 -8.19
CA ASP A 98 -1.86 -3.85 -9.58
C ASP A 98 -0.36 -3.86 -9.82
N SER A 99 0.06 -4.17 -11.05
CA SER A 99 1.49 -4.06 -11.36
C SER A 99 1.88 -2.59 -11.32
N GLN A 100 3.16 -2.31 -11.06
CA GLN A 100 3.66 -0.94 -11.03
C GLN A 100 3.44 -0.25 -12.38
N GLN A 101 3.64 -0.95 -13.48
CA GLN A 101 3.40 -0.36 -14.80
C GLN A 101 1.94 0.09 -14.92
N LYS A 102 1.02 -0.72 -14.40
CA LYS A 102 -0.40 -0.39 -14.42
C LYS A 102 -0.72 0.88 -13.62
N ARG A 103 -0.15 0.98 -12.42
CA ARG A 103 -0.33 2.15 -11.59
C ARG A 103 0.15 3.41 -12.31
N ILE A 104 1.31 3.30 -12.95
CA ILE A 104 1.84 4.41 -13.73
C ILE A 104 0.87 4.81 -14.87
N GLU A 105 0.33 3.81 -15.55
CA GLU A 105 -0.63 4.07 -16.62
C GLU A 105 -1.83 4.85 -16.08
N LEU A 106 -2.30 4.43 -14.91
CA LEU A 106 -3.44 5.07 -14.28
C LEU A 106 -3.10 6.49 -13.83
N LEU A 107 -1.91 6.69 -13.27
CA LEU A 107 -1.48 8.06 -12.92
C LEU A 107 -1.51 8.99 -14.12
N ASN A 108 -0.99 8.52 -15.24
CA ASN A 108 -0.97 9.32 -16.45
C ASN A 108 -2.35 9.60 -17.04
N HIS A 109 -3.27 8.63 -16.96
CA HIS A 109 -4.67 8.83 -17.34
C HIS A 109 -5.27 9.95 -16.54
N TYR A 110 -4.95 9.94 -15.24
CA TYR A 110 -5.51 10.88 -14.30
C TYR A 110 -5.03 12.31 -14.59
N GLN A 111 -3.72 12.48 -14.75
CA GLN A 111 -3.17 13.81 -15.00
C GLN A 111 -3.63 14.40 -16.34
N ALA A 112 -3.84 13.53 -17.32
CA ALA A 112 -4.38 13.97 -18.61
C ALA A 112 -5.82 14.45 -18.46
N ALA A 113 -6.60 13.74 -17.67
CA ALA A 113 -8.01 14.10 -17.50
C ALA A 113 -8.15 15.45 -16.79
N ALA A 114 -7.36 15.65 -15.73
CA ALA A 114 -7.39 16.91 -14.97
C ALA A 114 -7.04 18.14 -15.81
N ALA A 115 -6.07 17.99 -16.71
CA ALA A 115 -5.70 19.07 -17.62
C ALA A 115 -6.88 19.48 -18.51
N LYS A 116 -7.52 18.49 -19.12
CA LYS A 116 -8.64 18.72 -20.01
C LYS A 116 -9.76 19.46 -19.32
N PHE A 117 -10.06 19.02 -18.10
CA PHE A 117 -11.16 19.56 -17.33
C PHE A 117 -10.74 20.82 -16.56
N ASN A 118 -9.53 21.30 -16.84
CA ASN A 118 -8.99 22.49 -16.19
C ASN A 118 -9.04 22.40 -14.68
N VAL A 119 -8.91 21.17 -14.19
CA VAL A 119 -8.88 20.92 -12.77
C VAL A 119 -7.43 20.94 -12.33
N ASP A 120 -7.14 21.81 -11.38
CA ASP A 120 -5.79 21.92 -10.87
C ASP A 120 -5.51 20.74 -9.93
N ILE A 121 -4.46 19.98 -10.22
CA ILE A 121 -4.10 18.87 -9.35
C ILE A 121 -2.69 19.01 -8.83
N ALA A 122 -2.15 20.22 -8.94
CA ALA A 122 -0.80 20.53 -8.49
C ALA A 122 -0.48 20.02 -7.09
N GLY A 123 -1.32 20.36 -6.11
CA GLY A 123 -1.03 19.99 -4.74
C GLY A 123 -1.36 18.56 -4.37
N VAL A 124 -2.12 17.89 -5.24
CA VAL A 124 -2.67 16.57 -4.94
C VAL A 124 -1.60 15.49 -4.74
N ARG A 125 -1.67 14.79 -3.61
CA ARG A 125 -0.80 13.64 -3.37
C ARG A 125 -1.66 12.39 -3.23
N HIS A 126 -1.28 11.35 -3.99
CA HIS A 126 -2.02 10.08 -3.95
C HIS A 126 -1.46 9.18 -2.84
N ARG A 127 -2.04 7.99 -2.70
CA ARG A 127 -1.52 6.98 -1.77
C ARG A 127 -1.28 5.69 -2.53
N LEU A 128 -0.16 5.04 -2.21
CA LEU A 128 0.23 3.79 -2.86
C LEU A 128 0.18 2.71 -1.80
N MET A 129 -0.63 1.68 -2.01
CA MET A 129 -0.67 0.53 -1.10
C MET A 129 0.45 -0.44 -1.45
N LEU A 130 1.26 -0.83 -0.47
CA LEU A 130 2.27 -1.87 -0.72
C LEU A 130 2.32 -2.87 0.43
N PHE A 131 2.44 -4.15 0.09
CA PHE A 131 2.87 -5.14 1.08
C PHE A 131 4.36 -4.97 1.32
N VAL A 132 4.76 -5.07 2.58
CA VAL A 132 6.16 -4.97 2.95
C VAL A 132 6.52 -6.20 3.76
N ASN A 133 7.45 -6.98 3.22
CA ASN A 133 7.99 -8.12 3.94
C ASN A 133 9.51 -8.06 3.88
N VAL A 134 10.12 -7.78 5.04
CA VAL A 134 11.57 -7.71 5.16
C VAL A 134 12.13 -8.96 5.82
N ASN A 135 13.11 -9.58 5.16
CA ASN A 135 13.83 -10.73 5.67
C ASN A 135 15.27 -10.61 5.21
N ASP A 136 16.21 -11.01 6.06
CA ASP A 136 17.62 -11.09 5.68
C ASP A 136 17.84 -11.96 4.45
N ASN A 137 16.98 -12.94 4.24
CA ASN A 137 17.05 -13.72 3.02
CA ASN A 137 17.04 -13.75 3.04
C ASN A 137 15.89 -13.32 2.11
N PRO A 138 16.21 -12.64 1.00
CA PRO A 138 15.14 -12.07 0.16
C PRO A 138 14.18 -13.14 -0.38
N THR A 139 14.71 -14.31 -0.72
CA THR A 139 13.87 -15.39 -1.22
C THR A 139 12.86 -15.80 -0.15
N GLN A 140 13.32 -15.85 1.10
CA GLN A 140 12.42 -16.18 2.19
C GLN A 140 11.32 -15.12 2.34
N ALA A 141 11.63 -13.85 2.11
CA ALA A 141 10.62 -12.79 2.20
C ALA A 141 9.55 -12.95 1.11
N LYS A 142 10.00 -13.20 -0.10
CA LYS A 142 9.09 -13.37 -1.23
C LYS A 142 8.27 -14.65 -1.04
N ALA A 143 8.91 -15.69 -0.52
CA ALA A 143 8.24 -16.96 -0.27
C ALA A 143 7.13 -16.77 0.75
N GLU A 144 7.43 -16.06 1.82
CA GLU A 144 6.45 -15.84 2.88
C GLU A 144 5.26 -15.01 2.37
N LEU A 145 5.54 -14.01 1.55
CA LEU A 145 4.47 -13.20 0.98
C LEU A 145 3.61 -14.03 0.03
N SER A 146 4.25 -14.89 -0.78
CA SER A 146 3.52 -15.74 -1.72
C SER A 146 2.56 -16.66 -0.98
N ILE A 147 3.07 -17.30 0.07
CA ILE A 147 2.25 -18.24 0.83
C ILE A 147 1.11 -17.51 1.55
N TYR A 148 1.40 -16.31 2.02
CA TYR A 148 0.40 -15.46 2.67
C TYR A 148 -0.78 -15.22 1.74
N LEU A 149 -0.48 -14.91 0.48
CA LEU A 149 -1.49 -14.48 -0.47
C LEU A 149 -2.19 -15.61 -1.24
N GLU A 150 -1.74 -16.85 -1.05
CA GLU A 150 -2.24 -17.97 -1.84
C GLU A 150 -3.76 -18.05 -1.91
N ASP A 151 -4.41 -18.06 -0.74
CA ASP A 151 -5.86 -18.28 -0.72
C ASP A 151 -6.61 -17.06 -1.27
N TYR A 152 -6.09 -15.86 -1.01
CA TYR A 152 -6.67 -14.63 -1.55
C TYR A 152 -6.63 -14.66 -3.08
N LEU A 153 -5.47 -15.02 -3.64
CA LEU A 153 -5.33 -15.03 -5.09
C LEU A 153 -6.18 -16.14 -5.73
N SER A 154 -6.40 -17.23 -5.00
CA SER A 154 -7.29 -18.28 -5.49
CA SER A 154 -7.30 -18.29 -5.46
C SER A 154 -8.72 -17.74 -5.52
N TYR A 155 -9.11 -17.05 -4.46
CA TYR A 155 -10.43 -16.46 -4.37
C TYR A 155 -10.66 -15.39 -5.45
N THR A 156 -9.65 -14.57 -5.74
CA THR A 156 -9.84 -13.52 -6.74
C THR A 156 -9.57 -14.00 -8.15
N GLN A 157 -9.29 -15.31 -8.29
CA GLN A 157 -8.95 -15.93 -9.57
C GLN A 157 -7.80 -15.20 -10.27
N ALA A 158 -6.76 -14.88 -9.51
CA ALA A 158 -5.57 -14.25 -10.05
C ALA A 158 -4.28 -14.95 -9.59
N GLU A 159 -4.32 -16.28 -9.50
CA GLU A 159 -3.15 -17.05 -9.08
C GLU A 159 -1.90 -16.77 -9.91
N THR A 160 -2.05 -16.57 -11.22
CA THR A 160 -0.89 -16.47 -12.11
C THR A 160 -0.23 -15.08 -12.03
N SER A 161 -0.85 -14.18 -11.29
CA SER A 161 -0.33 -12.82 -11.16
C SER A 161 0.60 -12.69 -9.95
N ILE A 162 0.89 -13.79 -9.27
CA ILE A 162 1.64 -13.72 -8.02
C ILE A 162 3.06 -13.17 -8.23
N ASP A 163 3.74 -13.60 -9.29
CA ASP A 163 5.10 -13.11 -9.51
C ASP A 163 5.08 -11.60 -9.74
N GLU A 164 4.10 -11.13 -10.49
CA GLU A 164 3.96 -9.71 -10.81
C GLU A 164 3.69 -8.92 -9.54
N ILE A 165 2.82 -9.47 -8.69
CA ILE A 165 2.49 -8.85 -7.42
C ILE A 165 3.73 -8.75 -6.54
N ILE A 166 4.48 -9.83 -6.45
CA ILE A 166 5.74 -9.82 -5.69
C ILE A 166 6.66 -8.70 -6.19
N ASN A 167 6.78 -8.60 -7.50
CA ASN A 167 7.68 -7.62 -8.12
C ASN A 167 7.23 -6.18 -7.93
N SER A 168 5.94 -5.96 -7.69
CA SER A 168 5.40 -4.62 -7.53
C SER A 168 5.13 -4.25 -6.07
N ASN A 169 5.57 -5.12 -5.18
CA ASN A 169 5.51 -4.84 -3.75
C ASN A 169 6.91 -4.94 -3.17
N ALA A 170 7.04 -4.76 -1.86
CA ALA A 170 8.37 -4.70 -1.25
C ALA A 170 8.68 -5.94 -0.43
N ALA A 171 9.38 -6.88 -1.03
CA ALA A 171 9.77 -8.11 -0.33
C ALA A 171 11.23 -8.37 -0.59
N GLY A 172 12.02 -8.40 0.47
CA GLY A 172 13.46 -8.59 0.32
C GLY A 172 14.14 -8.16 1.59
N ASN A 173 15.45 -7.89 1.53
CA ASN A 173 16.13 -7.36 2.72
C ASN A 173 15.73 -5.92 2.95
N PHE A 174 16.08 -5.37 4.10
CA PHE A 174 15.54 -4.05 4.48
C PHE A 174 15.93 -2.93 3.50
N ASP A 175 17.21 -2.86 3.15
CA ASP A 175 17.68 -1.82 2.26
C ASP A 175 17.10 -1.93 0.85
N THR A 176 16.95 -3.15 0.34
CA THR A 176 16.36 -3.32 -1.00
C THR A 176 14.88 -2.91 -1.01
N CYS A 177 14.15 -3.28 0.04
CA CYS A 177 12.77 -2.85 0.17
C CYS A 177 12.64 -1.34 0.14
N LEU A 178 13.48 -0.65 0.92
CA LEU A 178 13.41 0.81 0.95
C LEU A 178 13.75 1.42 -0.40
N HIS A 179 14.75 0.84 -1.06
CA HIS A 179 15.16 1.35 -2.36
C HIS A 179 14.03 1.14 -3.37
N HIS A 180 13.39 -0.02 -3.31
CA HIS A 180 12.32 -0.35 -4.24
C HIS A 180 11.11 0.54 -4.02
N VAL A 181 10.80 0.81 -2.76
CA VAL A 181 9.75 1.76 -2.41
C VAL A 181 10.06 3.11 -3.03
N ALA A 182 11.31 3.56 -2.89
CA ALA A 182 11.71 4.83 -3.50
C ALA A 182 11.63 4.80 -5.05
N GLU A 183 12.03 3.69 -5.67
CA GLU A 183 11.92 3.52 -7.14
C GLU A 183 10.47 3.62 -7.62
N MET A 184 9.56 2.96 -6.91
CA MET A 184 8.17 2.99 -7.31
C MET A 184 7.55 4.36 -7.13
N ALA A 185 7.92 5.06 -6.06
CA ALA A 185 7.51 6.45 -5.89
C ALA A 185 8.02 7.30 -7.05
N GLN A 186 9.30 7.12 -7.39
CA GLN A 186 9.92 7.87 -8.49
C GLN A 186 9.14 7.60 -9.77
N GLY A 187 8.72 6.35 -9.96
CA GLY A 187 7.99 5.97 -11.15
C GLY A 187 6.64 6.68 -11.20
N LEU A 188 6.09 6.96 -10.02
CA LEU A 188 4.84 7.68 -9.88
C LEU A 188 5.06 9.18 -9.62
N ASN A 189 6.14 9.70 -10.20
CA ASN A 189 6.48 11.12 -10.17
C ASN A 189 6.61 11.72 -8.77
N ASN A 190 6.91 10.88 -7.78
CA ASN A 190 7.04 11.31 -6.39
C ASN A 190 5.77 12.02 -5.91
N LYS A 191 4.63 11.54 -6.38
CA LYS A 191 3.33 12.08 -5.99
C LYS A 191 2.56 11.09 -5.11
N VAL A 192 3.27 10.16 -4.48
CA VAL A 192 2.59 9.16 -3.66
C VAL A 192 3.08 9.13 -2.21
N ASP A 193 2.12 9.21 -1.30
CA ASP A 193 2.33 8.78 0.06
C ASP A 193 1.99 7.30 0.10
N PHE A 194 2.14 6.66 1.25
CA PHE A 194 2.07 5.20 1.31
C PHE A 194 1.11 4.66 2.37
N LEU A 195 0.59 3.46 2.09
CA LEU A 195 -0.03 2.59 3.10
C LEU A 195 0.69 1.25 3.00
N PHE A 196 1.32 0.84 4.10
CA PHE A 196 2.04 -0.44 4.12
C PHE A 196 1.23 -1.52 4.81
N CYS A 197 1.25 -2.73 4.25
CA CYS A 197 0.71 -3.88 4.98
C CYS A 197 1.85 -4.81 5.42
N PHE A 198 2.01 -4.96 6.73
CA PHE A 198 3.10 -5.74 7.32
C PHE A 198 2.68 -7.17 7.70
N GLU A 199 1.42 -7.53 7.44
CA GLU A 199 0.86 -8.75 8.01
C GLU A 199 1.41 -10.07 7.46
N SER A 200 2.11 -10.04 6.33
CA SER A 200 2.69 -11.27 5.76
C SER A 200 3.96 -11.70 6.51
N MET A 201 4.42 -10.86 7.43
CA MET A 201 5.51 -11.26 8.31
C MET A 201 4.96 -12.01 9.51
N LYS A 202 5.12 -13.34 9.52
CA LYS A 202 4.61 -14.18 10.63
C LYS A 202 5.24 -13.80 11.96
N ASP A 203 6.55 -13.58 11.92
CA ASP A 203 7.33 -13.34 13.13
C ASP A 203 7.01 -11.93 13.67
N GLN A 204 6.30 -11.90 14.79
CA GLN A 204 5.80 -10.64 15.31
C GLN A 204 6.93 -9.74 15.81
N GLU A 205 7.99 -10.36 16.34
CA GLU A 205 9.15 -9.58 16.75
C GLU A 205 9.87 -8.95 15.54
N ASN A 206 9.97 -9.69 14.44
CA ASN A 206 10.55 -9.13 13.23
C ASN A 206 9.70 -7.98 12.68
N LYS A 207 8.38 -8.16 12.71
CA LYS A 207 7.47 -7.10 12.26
C LYS A 207 7.67 -5.83 13.09
N LYS A 208 7.69 -6.01 14.40
CA LYS A 208 7.85 -4.90 15.31
C LYS A 208 9.17 -4.16 15.06
N SER A 209 10.26 -4.92 14.97
CA SER A 209 11.58 -4.34 14.70
C SER A 209 11.56 -3.54 13.40
N LEU A 210 10.97 -4.11 12.36
CA LEU A 210 10.82 -3.40 11.09
C LEU A 210 10.04 -2.10 11.26
N MET A 211 8.89 -2.17 11.90
CA MET A 211 8.03 -1.00 12.00
C MET A 211 8.70 0.13 12.78
N ILE A 212 9.44 -0.25 13.81
CA ILE A 212 10.19 0.70 14.62
C ILE A 212 11.41 1.26 13.88
N ASN A 213 12.17 0.40 13.21
CA ASN A 213 13.35 0.84 12.45
C ASN A 213 12.95 1.84 11.37
N PHE A 214 11.86 1.55 10.68
CA PHE A 214 11.39 2.43 9.63
C PHE A 214 10.87 3.74 10.21
N ASP A 215 10.13 3.65 11.31
CA ASP A 215 9.70 4.83 12.05
C ASP A 215 10.89 5.72 12.37
N LYS A 216 11.94 5.12 12.93
CA LYS A 216 13.13 5.88 13.31
C LYS A 216 13.82 6.50 12.09
N ARG A 217 13.89 5.75 10.99
CA ARG A 217 14.53 6.27 9.78
C ARG A 217 13.79 7.49 9.23
N VAL A 218 12.46 7.43 9.28
CA VAL A 218 11.63 8.52 8.77
C VAL A 218 11.72 9.76 9.66
N ILE A 219 11.68 9.56 10.96
CA ILE A 219 11.85 10.65 11.91
C ILE A 219 13.18 11.36 11.68
N ASN A 220 14.25 10.58 11.54
CA ASN A 220 15.58 11.15 11.35
C ASN A 220 15.71 11.91 10.04
N TYR A 221 15.13 11.33 8.98
CA TYR A 221 15.09 11.95 7.66
C TYR A 221 14.41 13.31 7.71
N ARG A 222 13.27 13.36 8.38
CA ARG A 222 12.49 14.60 8.49
C ARG A 222 13.25 15.64 9.30
N LYS A 223 13.98 15.20 10.31
CA LYS A 223 14.80 16.10 11.11
C LYS A 223 15.95 16.62 10.26
N GLU A 224 16.60 15.71 9.55
CA GLU A 224 17.76 16.06 8.71
C GLU A 224 17.39 17.09 7.65
N HIS A 225 16.16 17.00 7.13
CA HIS A 225 15.73 17.88 6.04
C HIS A 225 14.71 18.94 6.45
N ASN A 226 14.49 19.10 7.76
CA ASN A 226 13.61 20.14 8.30
C ASN A 226 12.16 20.07 7.80
N LEU A 227 11.60 18.87 7.74
CA LEU A 227 10.24 18.68 7.24
C LEU A 227 9.22 18.53 8.36
N ASN A 228 9.12 19.54 9.22
CA ASN A 228 8.08 19.58 10.27
C ASN A 228 7.95 20.96 10.92
#